data_9KYY
#
_entry.id   9KYY
#
_entity_poly.entity_id   1
_entity_poly.type   'polypeptide(L)'
_entity_poly.pdbx_seq_one_letter_code
;MEPTTEIQATEDLTLSGDHAAASADSLVVDNANDNAGQEEGFEIVLKDDETAPKQDPAKNAEFARRRIERKRQRELEQQM
EAVKRGELPESLRVNPDLPPQPDINAYLSEEGLAKYDYDNSRALAAFNAANTEWLMKAQDARSNAVAEQGRKTQEFTQQS
AQYVEAARKHYDAAEKLNIPDYQEKEDAFMQLVPPAVGADIMRLFPEKSAALMYHLGANPEKARQLLAMDGQSALIELTR
LSERLTLKPRGKQISSAPPADQPITGDVSAANKDAIRKQMDAAASKGDVETYRKLKAKLKGIR
;
_entity_poly.pdbx_strand_id   A,B,C
#
# COMPACT_ATOMS: atom_id res chain seq x y z
N LYS A 71 17.67 25.60 -25.41
CA LYS A 71 18.36 25.15 -24.21
C LYS A 71 17.41 25.07 -23.03
N ARG A 72 16.31 25.82 -23.11
CA ARG A 72 15.31 25.85 -22.05
C ARG A 72 14.76 24.45 -21.77
N GLN A 73 14.68 23.63 -22.82
CA GLN A 73 14.18 22.26 -22.68
C GLN A 73 14.99 21.48 -21.65
N ARG A 74 16.30 21.67 -21.64
CA ARG A 74 17.16 20.88 -20.76
C ARG A 74 16.83 21.10 -19.30
N GLU A 75 16.73 22.36 -18.88
CA GLU A 75 16.34 22.58 -17.49
C GLU A 75 14.87 22.23 -17.28
N LEU A 76 14.06 22.23 -18.34
CA LEU A 76 12.72 21.66 -18.21
C LEU A 76 12.79 20.21 -17.73
N GLU A 77 13.60 19.38 -18.40
CA GLU A 77 13.67 18.00 -17.91
C GLU A 77 14.31 17.93 -16.53
N GLN A 78 15.35 18.71 -16.25
CA GLN A 78 15.99 18.53 -14.95
C GLN A 78 15.01 18.86 -13.83
N GLN A 79 14.21 19.92 -13.97
CA GLN A 79 13.20 20.19 -12.95
C GLN A 79 12.10 19.13 -12.98
N MET A 80 11.84 18.54 -14.14
CA MET A 80 10.80 17.52 -14.21
C MET A 80 11.17 16.31 -13.35
N GLU A 81 12.30 15.68 -13.63
CA GLU A 81 12.70 14.61 -12.72
C GLU A 81 13.12 15.10 -11.34
N ALA A 82 13.37 16.40 -11.14
CA ALA A 82 13.49 16.89 -9.77
C ALA A 82 12.18 16.68 -9.02
N VAL A 83 11.06 16.95 -9.69
CA VAL A 83 9.77 16.53 -9.16
C VAL A 83 9.73 15.01 -9.00
N LYS A 84 10.18 14.28 -10.03
CA LYS A 84 10.08 12.81 -9.99
C LYS A 84 10.87 12.16 -8.86
N ARG A 85 11.87 12.83 -8.27
CA ARG A 85 12.41 12.19 -7.07
C ARG A 85 11.56 12.40 -5.83
N GLY A 86 10.27 12.67 -5.97
CA GLY A 86 9.45 12.84 -4.79
C GLY A 86 9.55 14.21 -4.17
N GLU A 87 10.27 15.14 -4.80
CA GLU A 87 10.46 16.48 -4.26
C GLU A 87 9.23 17.33 -4.56
N LEU A 88 8.09 16.86 -4.04
CA LEU A 88 6.83 17.54 -4.27
C LEU A 88 6.77 18.85 -3.47
N PRO A 89 6.15 19.87 -4.04
CA PRO A 89 6.05 21.15 -3.32
C PRO A 89 5.16 21.04 -2.11
N GLU A 90 5.37 21.95 -1.16
CA GLU A 90 4.52 22.03 0.02
C GLU A 90 3.06 22.26 -0.35
N SER A 91 2.80 22.85 -1.52
CA SER A 91 1.42 23.04 -1.97
C SER A 91 0.67 21.72 -2.06
N LEU A 92 1.37 20.64 -2.41
CA LEU A 92 0.73 19.34 -2.50
C LEU A 92 0.54 18.68 -1.13
N ARG A 93 1.12 19.25 -0.08
CA ARG A 93 0.86 18.77 1.27
C ARG A 93 -0.50 19.29 1.74
N VAL A 94 -1.50 18.42 1.76
CA VAL A 94 -2.86 18.79 2.13
C VAL A 94 -3.08 18.40 3.59
N ASN A 95 -3.45 19.38 4.40
CA ASN A 95 -3.65 19.14 5.82
C ASN A 95 -5.02 18.51 6.06
N PRO A 96 -5.09 17.33 6.67
CA PRO A 96 -6.40 16.79 7.08
C PRO A 96 -6.99 17.65 8.18
N ASP A 97 -8.33 17.66 8.23
CA ASP A 97 -9.06 18.49 9.19
C ASP A 97 -9.40 17.65 10.42
N LEU A 98 -8.88 18.06 11.57
CA LEU A 98 -9.28 17.44 12.83
C LEU A 98 -10.34 18.29 13.52
N PRO A 99 -11.56 17.81 13.68
CA PRO A 99 -12.58 18.56 14.41
C PRO A 99 -12.18 18.68 15.88
N PRO A 100 -12.73 19.67 16.59
CA PRO A 100 -12.26 19.93 17.96
C PRO A 100 -12.44 18.72 18.87
N GLN A 101 -11.47 18.54 19.76
CA GLN A 101 -11.50 17.43 20.70
C GLN A 101 -12.63 17.63 21.71
N PRO A 102 -13.41 16.59 22.01
CA PRO A 102 -14.37 16.71 23.10
C PRO A 102 -13.65 16.87 24.44
N ASP A 103 -14.30 17.57 25.36
CA ASP A 103 -13.71 17.89 26.66
C ASP A 103 -14.38 17.07 27.74
N ILE A 104 -13.57 16.38 28.55
CA ILE A 104 -14.08 15.72 29.75
C ILE A 104 -14.63 16.76 30.72
N ASN A 105 -14.06 17.96 30.70
CA ASN A 105 -14.40 19.00 31.66
C ASN A 105 -15.66 19.74 31.28
N ALA A 106 -16.12 19.61 30.05
CA ALA A 106 -17.44 20.12 29.70
C ALA A 106 -18.56 19.29 30.29
N TYR A 107 -18.24 18.14 30.89
CA TYR A 107 -19.27 17.20 31.29
C TYR A 107 -19.12 16.70 32.72
N LEU A 108 -17.89 16.53 33.22
CA LEU A 108 -17.68 16.19 34.63
C LEU A 108 -17.60 17.41 35.53
N SER A 109 -17.60 18.62 34.97
CA SER A 109 -17.60 19.80 35.81
C SER A 109 -19.00 20.04 36.39
N GLU A 110 -19.16 21.20 37.02
CA GLU A 110 -20.42 21.50 37.69
C GLU A 110 -21.58 21.58 36.69
N GLU A 111 -21.40 22.32 35.60
CA GLU A 111 -22.50 22.49 34.65
C GLU A 111 -22.72 21.23 33.81
N GLY A 112 -21.64 20.53 33.44
CA GLY A 112 -21.80 19.30 32.69
C GLY A 112 -22.53 18.23 33.49
N LEU A 113 -22.12 18.04 34.74
CA LEU A 113 -22.84 17.10 35.58
C LEU A 113 -24.23 17.60 35.94
N ALA A 114 -24.46 18.92 35.89
CA ALA A 114 -25.82 19.44 36.01
C ALA A 114 -26.67 18.99 34.83
N LYS A 115 -26.10 19.05 33.62
CA LYS A 115 -26.76 18.41 32.47
C LYS A 115 -26.96 16.93 32.73
N TYR A 116 -26.03 16.32 33.44
CA TYR A 116 -26.06 14.90 33.73
C TYR A 116 -26.63 14.63 35.12
N ASP A 117 -27.16 15.68 35.76
CA ASP A 117 -27.77 15.58 37.08
C ASP A 117 -26.82 14.96 38.10
N TYR A 118 -25.56 15.39 38.04
CA TYR A 118 -24.51 14.98 38.99
C TYR A 118 -24.26 13.48 38.91
N ASP A 119 -24.72 12.83 37.84
CA ASP A 119 -24.55 11.39 37.67
C ASP A 119 -23.21 11.14 37.00
N ASN A 120 -22.25 10.64 37.77
CA ASN A 120 -20.92 10.36 37.22
C ASN A 120 -20.92 9.17 36.27
N SER A 121 -21.89 8.26 36.41
CA SER A 121 -21.95 7.11 35.50
C SER A 121 -22.15 7.56 34.06
N ARG A 122 -23.20 8.36 33.82
CA ARG A 122 -23.48 8.83 32.47
C ARG A 122 -22.40 9.79 32.00
N ALA A 123 -21.88 10.63 32.89
CA ALA A 123 -20.85 11.60 32.51
C ALA A 123 -19.59 10.90 32.05
N LEU A 124 -19.14 9.90 32.81
CA LEU A 124 -17.92 9.19 32.42
C LEU A 124 -18.17 8.24 31.26
N ALA A 125 -19.43 7.83 31.06
CA ALA A 125 -19.77 7.12 29.82
C ALA A 125 -19.60 8.01 28.61
N ALA A 126 -20.09 9.24 28.70
CA ALA A 126 -19.86 10.21 27.62
C ALA A 126 -18.38 10.48 27.45
N PHE A 127 -17.65 10.53 28.56
CA PHE A 127 -16.19 10.66 28.53
C PHE A 127 -15.56 9.54 27.69
N ASN A 128 -15.91 8.29 28.01
CA ASN A 128 -15.34 7.16 27.29
C ASN A 128 -15.71 7.20 25.81
N ALA A 129 -16.99 7.43 25.53
CA ALA A 129 -17.45 7.46 24.15
C ALA A 129 -16.77 8.56 23.36
N ALA A 130 -16.59 9.73 23.98
CA ALA A 130 -15.92 10.84 23.32
C ALA A 130 -14.47 10.50 23.02
N ASN A 131 -13.76 9.91 23.98
CA ASN A 131 -12.38 9.52 23.72
C ASN A 131 -12.30 8.53 22.57
N THR A 132 -13.15 7.50 22.61
CA THR A 132 -13.13 6.48 21.57
C THR A 132 -13.40 7.08 20.21
N GLU A 133 -14.48 7.86 20.09
CA GLU A 133 -14.85 8.42 18.80
C GLU A 133 -13.82 9.44 18.33
N TRP A 134 -13.19 10.18 19.24
CA TRP A 134 -12.17 11.13 18.82
C TRP A 134 -10.96 10.41 18.26
N LEU A 135 -10.53 9.34 18.91
CA LEU A 135 -9.42 8.56 18.37
C LEU A 135 -9.79 7.96 17.02
N MET A 136 -11.03 7.47 16.91
CA MET A 136 -11.47 6.87 15.65
C MET A 136 -11.50 7.90 14.53
N LYS A 137 -12.03 9.10 14.79
CA LYS A 137 -12.09 10.10 13.74
C LYS A 137 -10.72 10.66 13.43
N ALA A 138 -9.81 10.70 14.41
CA ALA A 138 -8.44 11.09 14.12
C ALA A 138 -7.77 10.11 13.18
N GLN A 139 -7.94 8.81 13.44
CA GLN A 139 -7.33 7.81 12.56
C GLN A 139 -7.99 7.82 11.18
N ASP A 140 -9.30 8.10 11.14
CA ASP A 140 -9.99 8.22 9.85
C ASP A 140 -9.45 9.41 9.08
N ALA A 141 -9.22 10.53 9.76
CA ALA A 141 -8.63 11.69 9.10
C ALA A 141 -7.25 11.38 8.57
N ARG A 142 -6.46 10.63 9.35
CA ARG A 142 -5.14 10.23 8.88
C ARG A 142 -5.23 9.39 7.61
N SER A 143 -6.14 8.40 7.62
CA SER A 143 -6.29 7.54 6.45
C SER A 143 -6.75 8.32 5.23
N ASN A 144 -7.70 9.25 5.44
CA ASN A 144 -8.17 10.09 4.35
C ASN A 144 -7.04 10.96 3.81
N ALA A 145 -6.21 11.49 4.72
CA ALA A 145 -5.06 12.27 4.30
C ALA A 145 -4.10 11.44 3.47
N VAL A 146 -3.87 10.20 3.88
CA VAL A 146 -3.01 9.30 3.11
C VAL A 146 -3.57 9.09 1.72
N ALA A 147 -4.87 8.78 1.64
CA ALA A 147 -5.49 8.51 0.34
C ALA A 147 -5.41 9.73 -0.57
N GLU A 148 -5.78 10.90 -0.05
CA GLU A 148 -5.77 12.10 -0.87
C GLU A 148 -4.36 12.52 -1.25
N GLN A 149 -3.38 12.34 -0.35
CA GLN A 149 -2.02 12.72 -0.68
C GLN A 149 -1.46 11.80 -1.76
N GLY A 150 -1.74 10.50 -1.68
CA GLY A 150 -1.36 9.62 -2.76
C GLY A 150 -2.03 10.01 -4.07
N ARG A 151 -3.31 10.35 -4.01
CA ARG A 151 -4.03 10.75 -5.23
C ARG A 151 -3.40 11.99 -5.85
N LYS A 152 -3.16 13.02 -5.03
CA LYS A 152 -2.57 14.25 -5.54
C LYS A 152 -1.15 14.04 -6.05
N THR A 153 -0.36 13.22 -5.35
CA THR A 153 0.99 12.92 -5.81
C THR A 153 0.96 12.28 -7.19
N GLN A 154 0.12 11.25 -7.34
CA GLN A 154 0.03 10.56 -8.62
C GLN A 154 -0.49 11.49 -9.70
N GLU A 155 -1.50 12.30 -9.36
CA GLU A 155 -2.05 13.26 -10.30
C GLU A 155 -0.98 14.21 -10.80
N PHE A 156 -0.24 14.82 -9.87
CA PHE A 156 0.76 15.81 -10.26
C PHE A 156 1.88 15.17 -11.04
N THR A 157 2.21 13.91 -10.71
CA THR A 157 3.18 13.20 -11.54
C THR A 157 2.67 13.07 -12.97
N GLN A 158 1.38 12.74 -13.12
CA GLN A 158 0.81 12.62 -14.45
C GLN A 158 0.85 13.94 -15.21
N GLN A 159 0.35 15.02 -14.60
CA GLN A 159 0.36 16.28 -15.35
C GLN A 159 1.78 16.80 -15.55
N SER A 160 2.73 16.41 -14.69
CA SER A 160 4.13 16.67 -15.01
C SER A 160 4.52 15.94 -16.28
N ALA A 161 4.07 14.69 -16.43
CA ALA A 161 4.34 13.96 -17.65
C ALA A 161 3.77 14.72 -18.86
N GLN A 162 2.55 15.24 -18.76
CA GLN A 162 2.03 15.97 -19.91
C GLN A 162 2.74 17.32 -20.12
N TYR A 163 3.21 17.99 -19.06
CA TYR A 163 3.99 19.20 -19.30
C TYR A 163 5.28 18.89 -20.05
N VAL A 164 5.99 17.83 -19.65
CA VAL A 164 7.21 17.50 -20.37
C VAL A 164 6.88 17.02 -21.78
N GLU A 165 5.71 16.39 -21.96
CA GLU A 165 5.23 16.09 -23.29
C GLU A 165 5.18 17.35 -24.13
N ALA A 166 4.35 18.31 -23.70
CA ALA A 166 4.22 19.57 -24.41
C ALA A 166 5.58 20.19 -24.66
N ALA A 167 6.48 20.07 -23.69
CA ALA A 167 7.83 20.59 -23.87
C ALA A 167 8.52 20.00 -25.10
N ARG A 168 8.74 18.67 -25.11
CA ARG A 168 9.55 18.17 -26.22
C ARG A 168 8.81 18.09 -27.55
N LYS A 169 7.48 17.91 -27.57
CA LYS A 169 6.79 18.08 -28.85
C LYS A 169 6.82 19.53 -29.34
N HIS A 170 6.68 20.51 -28.44
CA HIS A 170 6.87 21.89 -28.85
C HIS A 170 8.23 22.08 -29.49
N TYR A 171 9.28 21.56 -28.85
CA TYR A 171 10.62 21.70 -29.40
C TYR A 171 10.74 21.01 -30.74
N ASP A 172 10.52 19.70 -30.78
CA ASP A 172 10.75 18.98 -32.04
C ASP A 172 9.94 19.56 -33.18
N ALA A 173 8.72 20.06 -32.91
CA ALA A 173 7.99 20.78 -33.95
C ALA A 173 8.68 22.08 -34.32
N ALA A 174 9.23 22.80 -33.35
CA ALA A 174 9.86 24.09 -33.62
C ALA A 174 11.10 23.92 -34.51
N GLU A 175 12.00 23.02 -34.12
CA GLU A 175 13.14 22.73 -34.99
C GLU A 175 12.75 21.95 -36.24
N LYS A 176 11.53 21.40 -36.30
CA LYS A 176 11.01 20.94 -37.59
C LYS A 176 10.73 22.12 -38.50
N LEU A 177 10.17 23.20 -37.96
CA LEU A 177 9.92 24.39 -38.74
C LEU A 177 11.25 25.06 -39.08
N ASN A 178 11.25 25.84 -40.17
CA ASN A 178 12.48 26.35 -40.79
C ASN A 178 12.61 27.86 -40.60
N ILE A 179 12.24 28.36 -39.43
CA ILE A 179 12.28 29.81 -39.16
C ILE A 179 13.74 30.25 -39.02
N PRO A 180 14.09 31.48 -39.45
CA PRO A 180 15.44 31.98 -39.18
C PRO A 180 15.65 32.49 -37.76
N ASP A 181 14.63 33.09 -37.15
CA ASP A 181 14.85 33.84 -35.90
C ASP A 181 14.15 33.23 -34.70
N TYR A 182 14.30 31.91 -34.52
CA TYR A 182 13.67 31.21 -33.40
C TYR A 182 14.19 31.67 -32.04
N GLN A 183 15.50 31.87 -31.90
CA GLN A 183 16.11 31.91 -30.57
C GLN A 183 15.64 33.12 -29.76
N GLU A 184 15.73 34.31 -30.33
CA GLU A 184 15.45 35.51 -29.54
C GLU A 184 13.96 35.64 -29.24
N LYS A 185 13.11 35.25 -30.19
CA LYS A 185 11.68 35.26 -29.91
C LYS A 185 11.33 34.21 -28.86
N GLU A 186 11.97 33.04 -28.89
CA GLU A 186 11.72 32.06 -27.85
C GLU A 186 12.10 32.62 -26.48
N ASP A 187 13.24 33.31 -26.41
CA ASP A 187 13.62 33.96 -25.17
C ASP A 187 12.57 34.98 -24.73
N ALA A 188 12.10 35.82 -25.66
CA ALA A 188 11.15 36.86 -25.31
C ALA A 188 9.84 36.28 -24.78
N PHE A 189 9.31 35.26 -25.46
CA PHE A 189 8.05 34.69 -25.01
C PHE A 189 8.21 33.87 -23.74
N MET A 190 9.31 33.13 -23.59
CA MET A 190 9.53 32.42 -22.34
C MET A 190 9.68 33.39 -21.18
N GLN A 191 10.20 34.59 -21.44
CA GLN A 191 10.10 35.66 -20.46
C GLN A 191 8.63 36.04 -20.24
N LEU A 192 7.87 36.13 -21.34
CA LEU A 192 6.48 36.58 -21.23
C LEU A 192 5.60 35.51 -20.58
N VAL A 193 5.73 34.26 -21.00
CA VAL A 193 4.87 33.21 -20.48
C VAL A 193 5.70 32.22 -19.64
N PRO A 194 5.18 31.78 -18.50
CA PRO A 194 5.88 30.78 -17.70
C PRO A 194 5.94 29.45 -18.43
N PRO A 195 6.90 28.58 -18.06
CA PRO A 195 6.97 27.27 -18.72
C PRO A 195 5.69 26.46 -18.59
N ALA A 196 5.03 26.53 -17.44
CA ALA A 196 3.75 25.81 -17.28
C ALA A 196 2.69 26.40 -18.20
N VAL A 197 2.64 27.73 -18.32
CA VAL A 197 1.67 28.35 -19.21
C VAL A 197 1.91 27.93 -20.65
N GLY A 198 3.17 27.94 -21.08
CA GLY A 198 3.48 27.48 -22.43
C GLY A 198 3.12 26.02 -22.64
N ALA A 199 3.43 25.18 -21.65
CA ALA A 199 3.09 23.77 -21.75
C ALA A 199 1.59 23.57 -21.90
N ASP A 200 0.80 24.35 -21.15
CA ASP A 200 -0.65 24.32 -21.32
C ASP A 200 -1.06 24.82 -22.70
N ILE A 201 -0.33 25.81 -23.23
CA ILE A 201 -0.62 26.31 -24.57
C ILE A 201 -0.47 25.19 -25.59
N MET A 202 0.64 24.45 -25.52
CA MET A 202 0.78 23.30 -26.39
C MET A 202 -0.25 22.22 -26.07
N ARG A 203 -0.65 22.09 -24.81
CA ARG A 203 -1.65 21.10 -24.45
C ARG A 203 -2.96 21.37 -25.16
N LEU A 204 -3.40 22.62 -25.19
CA LEU A 204 -4.63 22.96 -25.89
C LEU A 204 -4.43 22.97 -27.41
N PHE A 205 -3.31 23.54 -27.80
CA PHE A 205 -3.02 23.64 -29.20
C PHE A 205 -1.64 23.15 -29.26
N PRO A 206 -1.48 22.00 -29.85
CA PRO A 206 -0.12 21.48 -29.97
C PRO A 206 0.51 21.67 -31.34
N GLU A 207 -0.30 21.66 -32.40
CA GLU A 207 0.26 21.50 -33.74
C GLU A 207 1.07 22.71 -34.18
N LYS A 208 0.63 23.92 -33.83
CA LYS A 208 1.35 25.13 -34.21
C LYS A 208 1.36 26.17 -33.09
N SER A 209 1.63 25.72 -31.86
CA SER A 209 1.89 26.68 -30.78
C SER A 209 3.08 27.56 -31.12
N ALA A 210 4.09 26.97 -31.78
CA ALA A 210 5.17 27.78 -32.31
C ALA A 210 4.61 28.89 -33.19
N ALA A 211 3.71 28.54 -34.11
CA ALA A 211 3.21 29.52 -35.07
C ALA A 211 2.40 30.62 -34.39
N LEU A 212 1.62 30.28 -33.38
CA LEU A 212 0.93 31.34 -32.64
C LEU A 212 1.93 32.25 -31.96
N MET A 213 3.03 31.69 -31.44
CA MET A 213 4.07 32.55 -30.91
C MET A 213 4.69 33.43 -32.00
N TYR A 214 4.91 32.88 -33.19
CA TYR A 214 5.47 33.69 -34.28
C TYR A 214 4.56 34.86 -34.61
N HIS A 215 3.27 34.58 -34.78
CA HIS A 215 2.34 35.64 -35.16
C HIS A 215 2.16 36.65 -34.02
N LEU A 216 2.22 36.19 -32.78
CA LEU A 216 2.14 37.11 -31.65
C LEU A 216 3.35 38.03 -31.62
N GLY A 217 4.52 37.49 -31.95
CA GLY A 217 5.69 38.33 -32.12
C GLY A 217 5.55 39.28 -33.30
N ALA A 218 4.65 38.87 -34.18
CA ALA A 218 4.33 39.71 -35.28
C ALA A 218 3.18 40.53 -34.77
N ASN A 219 2.71 40.25 -33.56
CA ASN A 219 1.65 41.08 -32.99
C ASN A 219 1.69 41.28 -31.48
N PRO A 220 2.87 41.60 -30.96
CA PRO A 220 2.95 41.67 -29.51
C PRO A 220 2.18 42.85 -28.94
N GLU A 221 1.77 43.77 -29.78
CA GLU A 221 0.98 44.87 -29.31
C GLU A 221 -0.29 44.31 -28.77
N LYS A 222 -0.96 43.56 -29.62
CA LYS A 222 -2.18 42.97 -29.18
C LYS A 222 -1.76 42.10 -28.06
N ALA A 223 -0.63 41.45 -28.23
CA ALA A 223 -0.16 40.58 -27.20
C ALA A 223 -0.30 41.36 -25.96
N ARG A 224 0.04 42.63 -26.06
CA ARG A 224 0.00 43.44 -24.88
C ARG A 224 -1.42 43.52 -24.42
N GLN A 225 -2.28 43.95 -25.33
CA GLN A 225 -3.66 44.08 -24.98
C GLN A 225 -3.97 42.76 -24.38
N LEU A 226 -3.49 41.73 -25.05
CA LEU A 226 -3.71 40.41 -24.55
C LEU A 226 -3.17 40.33 -23.16
N LEU A 227 -1.85 40.43 -23.01
CA LEU A 227 -1.40 40.28 -21.63
C LEU A 227 -2.19 41.16 -20.69
N ALA A 228 -2.66 42.32 -21.17
CA ALA A 228 -3.52 43.17 -20.35
C ALA A 228 -4.82 42.47 -19.98
N MET A 229 -5.39 41.72 -20.93
CA MET A 229 -6.66 41.04 -20.75
C MET A 229 -6.45 39.61 -20.24
N ASP A 230 -7.55 38.94 -19.93
CA ASP A 230 -7.53 37.71 -19.16
C ASP A 230 -6.71 36.63 -19.84
N GLY A 231 -5.94 35.90 -19.03
CA GLY A 231 -5.04 34.88 -19.56
C GLY A 231 -5.77 33.73 -20.24
N GLN A 232 -6.83 33.23 -19.62
CA GLN A 232 -7.64 32.21 -20.28
C GLN A 232 -8.31 32.78 -21.52
N SER A 233 -8.88 33.98 -21.41
CA SER A 233 -9.40 34.65 -22.59
C SER A 233 -8.27 35.01 -23.56
N ALA A 234 -7.06 35.21 -23.05
CA ALA A 234 -5.91 35.37 -23.94
C ALA A 234 -5.69 34.12 -24.77
N LEU A 235 -5.79 32.94 -24.15
CA LEU A 235 -5.69 31.70 -24.89
C LEU A 235 -6.82 31.57 -25.91
N ILE A 236 -8.02 32.02 -25.52
CA ILE A 236 -9.14 32.01 -26.45
C ILE A 236 -8.83 32.84 -27.68
N GLU A 237 -8.30 34.04 -27.47
CA GLU A 237 -7.93 34.89 -28.60
C GLU A 237 -6.77 34.30 -29.39
N LEU A 238 -5.86 33.59 -28.72
CA LEU A 238 -4.78 32.92 -29.43
C LEU A 238 -5.34 31.86 -30.37
N THR A 239 -6.31 31.08 -29.91
CA THR A 239 -6.98 30.12 -30.79
C THR A 239 -7.70 30.84 -31.92
N ARG A 240 -8.34 31.97 -31.59
CA ARG A 240 -9.02 32.78 -32.60
C ARG A 240 -8.06 33.17 -33.71
N LEU A 241 -6.88 33.66 -33.35
CA LEU A 241 -5.92 34.11 -34.36
C LEU A 241 -5.26 32.93 -35.06
N SER A 242 -5.08 31.81 -34.35
CA SER A 242 -4.55 30.62 -34.98
C SER A 242 -5.47 30.13 -36.09
N GLU A 243 -6.78 30.19 -35.85
CA GLU A 243 -7.72 29.91 -36.93
C GLU A 243 -7.70 31.02 -37.98
N ARG A 244 -7.49 32.27 -37.54
CA ARG A 244 -7.45 33.39 -38.47
C ARG A 244 -6.17 33.37 -39.30
N LEU A 245 -5.03 33.14 -38.66
CA LEU A 245 -3.71 33.25 -39.30
C LEU A 245 -3.53 34.60 -39.96
N ARG B 70 1.10 -5.77 -33.99
CA ARG B 70 2.35 -5.18 -33.50
C ARG B 70 2.06 -3.96 -32.62
N LYS B 71 1.16 -3.09 -33.08
CA LYS B 71 0.87 -1.86 -32.34
C LYS B 71 0.15 -2.16 -31.04
N ARG B 72 -0.65 -3.24 -31.01
CA ARG B 72 -1.32 -3.64 -29.78
C ARG B 72 -0.30 -3.95 -28.68
N GLN B 73 0.84 -4.52 -29.07
CA GLN B 73 1.92 -4.69 -28.10
C GLN B 73 2.32 -3.34 -27.53
N ARG B 74 2.75 -2.43 -28.40
CA ARG B 74 3.32 -1.16 -27.94
C ARG B 74 2.37 -0.43 -27.01
N GLU B 75 1.07 -0.39 -27.34
CA GLU B 75 0.11 0.19 -26.41
C GLU B 75 0.04 -0.61 -25.12
N LEU B 76 0.13 -1.94 -25.18
CA LEU B 76 0.07 -2.73 -23.95
C LEU B 76 1.22 -2.40 -23.01
N GLU B 77 2.46 -2.46 -23.48
CA GLU B 77 3.53 -2.09 -22.54
C GLU B 77 3.41 -0.62 -22.15
N GLN B 78 3.21 0.30 -23.11
CA GLN B 78 3.09 1.71 -22.74
C GLN B 78 2.16 1.89 -21.55
N GLN B 79 0.95 1.32 -21.64
CA GLN B 79 0.04 1.31 -20.50
C GLN B 79 0.69 0.67 -19.28
N MET B 80 1.50 -0.36 -19.48
CA MET B 80 1.88 -1.15 -18.31
C MET B 80 3.10 -0.61 -17.59
N GLU B 81 4.11 -0.07 -18.29
CA GLU B 81 5.12 0.73 -17.58
C GLU B 81 4.54 2.04 -17.08
N ALA B 82 3.43 2.51 -17.69
CA ALA B 82 2.67 3.54 -17.02
C ALA B 82 2.17 3.04 -15.67
N VAL B 83 1.72 1.78 -15.61
CA VAL B 83 1.34 1.18 -14.34
C VAL B 83 2.53 1.12 -13.39
N LYS B 84 3.69 0.67 -13.88
CA LYS B 84 4.82 0.51 -12.97
C LYS B 84 5.31 1.83 -12.37
N ARG B 85 5.55 2.88 -13.18
CA ARG B 85 6.18 4.03 -12.54
C ARG B 85 5.20 4.69 -11.57
N GLY B 86 3.93 4.29 -11.63
CA GLY B 86 3.01 4.55 -10.55
C GLY B 86 1.59 4.93 -10.91
N GLU B 87 0.66 4.13 -10.37
CA GLU B 87 -0.73 4.47 -10.06
C GLU B 87 -1.31 3.25 -9.39
N LEU B 88 -2.34 3.47 -8.57
CA LEU B 88 -2.91 2.39 -7.79
C LEU B 88 -4.43 2.54 -7.85
N PRO B 89 -5.16 1.42 -7.99
CA PRO B 89 -6.62 1.50 -7.87
C PRO B 89 -7.07 1.38 -6.43
N GLU B 90 -8.37 1.49 -6.15
CA GLU B 90 -8.84 1.50 -4.75
C GLU B 90 -9.12 0.11 -4.12
N SER B 91 -9.17 -0.93 -4.94
CA SER B 91 -9.54 -2.26 -4.42
C SER B 91 -8.74 -2.76 -3.21
N LEU B 92 -7.48 -2.37 -3.09
CA LEU B 92 -6.63 -2.90 -2.00
C LEU B 92 -7.01 -2.46 -0.58
N ARG B 93 -7.84 -1.44 -0.44
CA ARG B 93 -8.17 -0.92 0.90
C ARG B 93 -8.79 -1.97 1.82
N VAL B 94 -8.32 -2.04 3.07
CA VAL B 94 -8.83 -2.99 4.06
C VAL B 94 -9.58 -2.22 5.12
N ASN B 95 -10.80 -2.66 5.42
CA ASN B 95 -11.60 -2.00 6.44
C ASN B 95 -11.08 -2.34 7.82
N PRO B 96 -10.72 -1.35 8.63
CA PRO B 96 -10.21 -1.66 9.99
C PRO B 96 -11.30 -2.27 10.85
N ASP B 97 -10.87 -3.10 11.80
CA ASP B 97 -11.78 -3.77 12.72
C ASP B 97 -11.84 -3.00 14.03
N LEU B 98 -13.04 -2.53 14.39
CA LEU B 98 -13.24 -1.73 15.59
C LEU B 98 -14.23 -2.46 16.48
N PRO B 99 -13.79 -3.05 17.59
CA PRO B 99 -14.69 -3.85 18.42
C PRO B 99 -15.57 -2.98 19.30
N PRO B 100 -16.88 -3.15 19.23
CA PRO B 100 -17.77 -2.42 20.14
C PRO B 100 -17.71 -3.00 21.56
N GLN B 101 -18.24 -2.22 22.50
CA GLN B 101 -18.16 -2.60 23.91
C GLN B 101 -19.18 -1.83 24.74
N PRO B 102 -19.78 -2.45 25.75
CA PRO B 102 -20.69 -1.70 26.64
C PRO B 102 -19.94 -0.62 27.41
N ASP B 103 -20.67 0.44 27.75
CA ASP B 103 -20.09 1.63 28.35
C ASP B 103 -20.27 1.62 29.87
N ILE B 104 -19.58 2.56 30.54
CA ILE B 104 -19.59 2.59 31.99
C ILE B 104 -20.95 2.98 32.55
N ASN B 105 -21.80 3.63 31.74
CA ASN B 105 -23.16 3.89 32.21
C ASN B 105 -23.91 2.58 32.41
N ALA B 106 -23.75 1.63 31.48
CA ALA B 106 -24.31 0.30 31.68
C ALA B 106 -23.58 -0.46 32.77
N TYR B 107 -22.32 -0.10 33.04
CA TYR B 107 -21.56 -0.80 34.07
C TYR B 107 -21.98 -0.36 35.47
N LEU B 108 -22.41 0.89 35.62
CA LEU B 108 -23.06 1.32 36.86
C LEU B 108 -24.56 1.11 36.82
N SER B 109 -25.09 0.55 35.73
CA SER B 109 -26.50 0.18 35.68
C SER B 109 -26.72 -1.07 36.54
N GLU B 110 -27.98 -1.52 36.59
CA GLU B 110 -28.31 -2.67 37.41
C GLU B 110 -27.56 -3.92 36.94
N GLU B 111 -27.50 -4.13 35.62
CA GLU B 111 -26.77 -5.28 35.10
C GLU B 111 -25.27 -5.15 35.34
N GLY B 112 -24.71 -3.97 35.04
CA GLY B 112 -23.27 -3.79 35.21
C GLY B 112 -22.85 -3.87 36.67
N LEU B 113 -23.58 -3.18 37.53
CA LEU B 113 -23.26 -3.25 38.96
C LEU B 113 -23.50 -4.65 39.50
N ALA B 114 -24.54 -5.33 39.02
CA ALA B 114 -24.79 -6.70 39.45
C ALA B 114 -23.63 -7.62 39.08
N LYS B 115 -23.12 -7.51 37.85
CA LYS B 115 -21.97 -8.32 37.47
C LYS B 115 -20.70 -7.86 38.16
N TYR B 116 -20.66 -6.63 38.67
CA TYR B 116 -19.57 -6.16 39.51
C TYR B 116 -20.01 -6.05 40.98
N ASP B 117 -21.09 -6.74 41.35
CA ASP B 117 -21.56 -6.82 42.72
C ASP B 117 -21.85 -5.44 43.31
N TYR B 118 -22.38 -4.55 42.46
CA TYR B 118 -22.84 -3.23 42.89
C TYR B 118 -21.74 -2.44 43.60
N ASP B 119 -20.56 -2.42 43.00
CA ASP B 119 -19.43 -1.65 43.50
C ASP B 119 -19.03 -0.64 42.44
N ASN B 120 -18.98 0.64 42.84
CA ASN B 120 -18.63 1.69 41.89
C ASN B 120 -17.14 1.71 41.60
N SER B 121 -16.30 1.44 42.61
CA SER B 121 -14.86 1.41 42.38
C SER B 121 -14.47 0.22 41.49
N ARG B 122 -15.13 -0.91 41.67
CA ARG B 122 -14.93 -2.04 40.77
C ARG B 122 -15.32 -1.66 39.35
N ALA B 123 -16.40 -0.90 39.20
CA ALA B 123 -16.75 -0.38 37.87
C ALA B 123 -15.71 0.60 37.36
N LEU B 124 -15.06 1.34 38.26
CA LEU B 124 -13.99 2.25 37.83
C LEU B 124 -12.84 1.48 37.22
N ALA B 125 -12.35 0.48 37.95
CA ALA B 125 -11.35 -0.43 37.40
C ALA B 125 -11.85 -1.07 36.12
N ALA B 126 -13.15 -1.36 36.07
CA ALA B 126 -13.73 -2.01 34.91
C ALA B 126 -13.59 -1.15 33.66
N PHE B 127 -13.98 0.13 33.75
CA PHE B 127 -13.93 0.92 32.52
C PHE B 127 -12.49 1.26 32.16
N ASN B 128 -11.64 1.46 33.17
CA ASN B 128 -10.23 1.73 32.85
C ASN B 128 -9.60 0.56 32.10
N ALA B 129 -9.81 -0.65 32.62
CA ALA B 129 -9.34 -1.84 31.92
C ALA B 129 -10.00 -1.98 30.56
N ALA B 130 -11.28 -1.62 30.46
CA ALA B 130 -11.99 -1.71 29.19
C ALA B 130 -11.37 -0.80 28.14
N ASN B 131 -11.06 0.44 28.53
CA ASN B 131 -10.40 1.36 27.60
C ASN B 131 -9.04 0.83 27.20
N THR B 132 -8.24 0.36 28.17
CA THR B 132 -6.91 -0.13 27.85
C THR B 132 -6.98 -1.32 26.89
N GLU B 133 -7.84 -2.30 27.17
CA GLU B 133 -7.93 -3.48 26.32
C GLU B 133 -8.54 -3.16 24.97
N TRP B 134 -9.47 -2.20 24.93
CA TRP B 134 -10.02 -1.77 23.63
C TRP B 134 -8.92 -1.15 22.80
N LEU B 135 -8.09 -0.29 23.39
CA LEU B 135 -6.90 0.20 22.70
C LEU B 135 -6.08 -0.97 22.19
N MET B 136 -5.78 -1.93 23.07
CA MET B 136 -4.95 -3.07 22.71
C MET B 136 -5.49 -3.75 21.45
N LYS B 137 -6.72 -4.26 21.54
CA LYS B 137 -7.24 -5.16 20.52
C LYS B 137 -7.64 -4.41 19.26
N ALA B 138 -8.21 -3.21 19.39
CA ALA B 138 -8.50 -2.41 18.20
C ALA B 138 -7.23 -2.05 17.46
N GLN B 139 -6.18 -1.67 18.19
CA GLN B 139 -4.89 -1.38 17.58
C GLN B 139 -4.35 -2.58 16.83
N ASP B 140 -4.34 -3.74 17.48
CA ASP B 140 -3.84 -4.94 16.80
C ASP B 140 -4.67 -5.24 15.56
N ALA B 141 -5.99 -5.08 15.65
CA ALA B 141 -6.86 -5.40 14.53
C ALA B 141 -6.57 -4.52 13.32
N ARG B 142 -6.57 -3.20 13.50
CA ARG B 142 -6.37 -2.40 12.30
C ARG B 142 -4.91 -2.40 11.85
N SER B 143 -3.96 -2.68 12.74
CA SER B 143 -2.59 -2.79 12.26
C SER B 143 -2.40 -4.05 11.43
N ASN B 144 -3.03 -5.15 11.81
CA ASN B 144 -3.02 -6.33 10.96
C ASN B 144 -3.75 -6.07 9.65
N ALA B 145 -4.82 -5.26 9.71
CA ALA B 145 -5.50 -4.86 8.47
C ALA B 145 -4.57 -4.08 7.56
N VAL B 146 -3.77 -3.17 8.12
CA VAL B 146 -2.82 -2.40 7.32
C VAL B 146 -1.73 -3.31 6.77
N ALA B 147 -1.29 -4.29 7.56
CA ALA B 147 -0.31 -5.25 7.08
C ALA B 147 -0.86 -6.03 5.89
N GLU B 148 -2.12 -6.45 5.97
CA GLU B 148 -2.76 -7.13 4.84
C GLU B 148 -2.94 -6.19 3.66
N GLN B 149 -3.16 -4.90 3.92
CA GLN B 149 -3.23 -3.92 2.85
C GLN B 149 -1.90 -3.85 2.10
N GLY B 150 -0.80 -3.80 2.84
CA GLY B 150 0.50 -3.84 2.20
C GLY B 150 0.73 -5.14 1.45
N ARG B 151 0.25 -6.25 2.01
CA ARG B 151 0.34 -7.54 1.35
C ARG B 151 -0.36 -7.52 -0.01
N LYS B 152 -1.59 -7.03 -0.04
CA LYS B 152 -2.31 -6.98 -1.30
C LYS B 152 -1.79 -5.91 -2.25
N THR B 153 -1.15 -4.86 -1.73
CA THR B 153 -0.52 -3.88 -2.60
C THR B 153 0.69 -4.49 -3.32
N GLN B 154 1.56 -5.17 -2.56
CA GLN B 154 2.67 -5.85 -3.21
C GLN B 154 2.17 -6.98 -4.11
N GLU B 155 1.04 -7.59 -3.77
CA GLU B 155 0.41 -8.56 -4.66
C GLU B 155 -0.01 -7.91 -5.97
N PHE B 156 -0.57 -6.70 -5.90
CA PHE B 156 -0.90 -5.95 -7.11
C PHE B 156 0.34 -5.67 -7.94
N THR B 157 1.44 -5.31 -7.27
CA THR B 157 2.69 -5.10 -7.99
C THR B 157 3.14 -6.37 -8.71
N GLN B 158 3.04 -7.51 -8.01
CA GLN B 158 3.42 -8.79 -8.62
C GLN B 158 2.52 -9.13 -9.81
N GLN B 159 1.22 -8.87 -9.68
CA GLN B 159 0.29 -9.10 -10.78
C GLN B 159 0.64 -8.22 -11.97
N SER B 160 1.01 -6.97 -11.71
CA SER B 160 1.43 -6.09 -12.79
C SER B 160 2.66 -6.64 -13.50
N ALA B 161 3.65 -7.09 -12.73
CA ALA B 161 4.85 -7.67 -13.36
C ALA B 161 4.50 -8.91 -14.17
N GLN B 162 3.65 -9.78 -13.63
CA GLN B 162 3.26 -10.99 -14.33
C GLN B 162 2.52 -10.68 -15.63
N TYR B 163 1.62 -9.69 -15.59
CA TYR B 163 0.94 -9.29 -16.81
C TYR B 163 1.89 -8.64 -17.81
N VAL B 164 2.92 -7.97 -17.31
CA VAL B 164 3.98 -7.48 -18.20
C VAL B 164 4.60 -8.65 -18.96
N GLU B 165 4.99 -9.68 -18.22
CA GLU B 165 5.59 -10.85 -18.85
C GLU B 165 4.64 -11.47 -19.85
N ALA B 166 3.37 -11.56 -19.46
CA ALA B 166 2.35 -12.13 -20.35
C ALA B 166 2.27 -11.34 -21.65
N ALA B 167 2.18 -10.02 -21.55
CA ALA B 167 2.08 -9.18 -22.76
C ALA B 167 3.30 -9.38 -23.65
N ARG B 168 4.50 -9.29 -23.05
CA ARG B 168 5.71 -9.35 -23.86
C ARG B 168 5.84 -10.68 -24.58
N LYS B 169 5.76 -11.79 -23.84
CA LYS B 169 5.93 -13.08 -24.50
C LYS B 169 4.76 -13.43 -25.41
N HIS B 170 3.53 -13.02 -25.08
CA HIS B 170 2.40 -13.36 -25.94
C HIS B 170 2.47 -12.64 -27.28
N TYR B 171 2.72 -11.33 -27.26
CA TYR B 171 2.90 -10.62 -28.52
C TYR B 171 4.30 -10.76 -29.11
N ASP B 172 5.19 -11.50 -28.48
CA ASP B 172 6.40 -11.93 -29.18
C ASP B 172 6.19 -13.25 -29.90
N ALA B 173 5.45 -14.17 -29.29
CA ALA B 173 5.20 -15.49 -29.88
C ALA B 173 4.01 -15.48 -30.84
N ALA B 174 3.20 -14.42 -30.85
CA ALA B 174 2.07 -14.38 -31.77
C ALA B 174 2.51 -14.38 -33.23
N GLU B 175 3.69 -13.84 -33.52
CA GLU B 175 4.16 -13.76 -34.89
C GLU B 175 4.86 -15.04 -35.35
N LYS B 176 5.10 -15.99 -34.44
CA LYS B 176 5.80 -17.22 -34.80
C LYS B 176 4.93 -18.15 -35.64
N LEU B 177 3.63 -17.88 -35.76
CA LEU B 177 2.77 -18.71 -36.60
C LEU B 177 3.04 -18.49 -38.08
N ASN B 178 3.86 -17.50 -38.43
CA ASN B 178 4.24 -17.20 -39.81
C ASN B 178 3.04 -16.75 -40.65
N ILE B 179 1.96 -16.33 -39.98
CA ILE B 179 0.76 -15.86 -40.68
C ILE B 179 0.31 -14.56 -40.02
N PRO B 180 -0.18 -13.59 -40.80
CA PRO B 180 -0.71 -12.35 -40.21
C PRO B 180 -2.21 -12.35 -40.01
N ASP B 181 -2.93 -13.37 -40.50
CA ASP B 181 -4.38 -13.38 -40.45
C ASP B 181 -4.94 -13.60 -39.04
N TYR B 182 -4.10 -13.92 -38.07
CA TYR B 182 -4.61 -14.07 -36.71
C TYR B 182 -4.95 -12.72 -36.07
N GLN B 183 -4.56 -11.61 -36.71
CA GLN B 183 -4.91 -10.30 -36.17
C GLN B 183 -6.41 -10.08 -36.18
N GLU B 184 -7.07 -10.32 -37.32
CA GLU B 184 -8.52 -10.17 -37.36
C GLU B 184 -9.22 -11.23 -36.53
N LYS B 185 -8.60 -12.41 -36.38
CA LYS B 185 -9.16 -13.41 -35.48
C LYS B 185 -9.13 -12.92 -34.04
N GLU B 186 -8.04 -12.28 -33.64
CA GLU B 186 -7.96 -11.70 -32.30
C GLU B 186 -8.94 -10.56 -32.13
N ASP B 187 -9.14 -9.77 -33.19
CA ASP B 187 -10.16 -8.72 -33.13
C ASP B 187 -11.55 -9.31 -32.96
N ALA B 188 -11.84 -10.41 -33.66
CA ALA B 188 -13.12 -11.10 -33.47
C ALA B 188 -13.26 -11.64 -32.07
N PHE B 189 -12.15 -12.12 -31.50
CA PHE B 189 -12.15 -12.54 -30.10
C PHE B 189 -12.46 -11.37 -29.17
N MET B 190 -11.85 -10.21 -29.44
CA MET B 190 -12.15 -9.01 -28.66
C MET B 190 -13.63 -8.66 -28.74
N GLN B 191 -14.22 -8.75 -29.93
CA GLN B 191 -15.64 -8.45 -30.07
C GLN B 191 -16.49 -9.47 -29.30
N LEU B 192 -16.24 -10.76 -29.51
CA LEU B 192 -17.02 -11.79 -28.82
C LEU B 192 -16.71 -11.80 -27.33
N VAL B 193 -15.43 -11.80 -26.98
CA VAL B 193 -15.00 -11.95 -25.59
C VAL B 193 -14.33 -10.65 -25.15
N PRO B 194 -14.68 -10.12 -23.98
CA PRO B 194 -14.14 -8.82 -23.56
C PRO B 194 -12.62 -8.85 -23.49
N PRO B 195 -11.96 -7.73 -23.82
CA PRO B 195 -10.49 -7.72 -23.82
C PRO B 195 -9.86 -8.05 -22.48
N ALA B 196 -10.59 -7.83 -21.37
CA ALA B 196 -10.05 -8.22 -20.07
C ALA B 196 -9.88 -9.73 -19.98
N VAL B 197 -10.88 -10.48 -20.46
CA VAL B 197 -10.77 -11.93 -20.47
C VAL B 197 -9.68 -12.38 -21.44
N GLY B 198 -9.50 -11.67 -22.55
CA GLY B 198 -8.41 -11.97 -23.45
C GLY B 198 -7.06 -11.77 -22.78
N ALA B 199 -6.91 -10.67 -22.03
CA ALA B 199 -5.69 -10.45 -21.27
C ALA B 199 -5.48 -11.56 -20.25
N ASP B 200 -6.55 -11.99 -19.59
CA ASP B 200 -6.43 -13.08 -18.63
C ASP B 200 -5.94 -14.37 -19.29
N ILE B 201 -6.53 -14.73 -20.44
CA ILE B 201 -6.18 -15.99 -21.08
C ILE B 201 -4.76 -15.95 -21.64
N MET B 202 -4.36 -14.81 -22.22
CA MET B 202 -2.99 -14.69 -22.69
C MET B 202 -2.00 -14.62 -21.52
N ARG B 203 -2.49 -14.21 -20.35
CA ARG B 203 -1.69 -14.33 -19.14
C ARG B 203 -1.49 -15.79 -18.75
N LEU B 204 -2.56 -16.58 -18.81
CA LEU B 204 -2.51 -17.95 -18.30
C LEU B 204 -1.56 -18.81 -19.11
N PHE B 205 -1.79 -18.91 -20.42
CA PHE B 205 -0.91 -19.68 -21.30
C PHE B 205 -0.98 -19.08 -22.70
N PRO B 206 0.01 -18.27 -23.07
CA PRO B 206 0.00 -17.60 -24.37
C PRO B 206 0.59 -18.41 -25.50
N GLU B 207 1.16 -19.59 -25.22
CA GLU B 207 1.86 -20.33 -26.26
C GLU B 207 0.93 -20.76 -27.39
N LYS B 208 -0.26 -21.26 -27.04
CA LYS B 208 -1.27 -21.63 -28.03
C LYS B 208 -2.38 -20.61 -28.14
N SER B 209 -2.24 -19.45 -27.47
CA SER B 209 -3.30 -18.46 -27.47
C SER B 209 -3.60 -17.96 -28.87
N ALA B 210 -2.56 -17.72 -29.67
CA ALA B 210 -2.75 -17.23 -31.03
C ALA B 210 -3.65 -18.19 -31.83
N ALA B 211 -3.29 -19.47 -31.86
CA ALA B 211 -4.13 -20.46 -32.51
C ALA B 211 -5.48 -20.56 -31.81
N LEU B 212 -5.51 -20.28 -30.50
CA LEU B 212 -6.76 -20.35 -29.76
C LEU B 212 -7.80 -19.37 -30.31
N MET B 213 -7.46 -18.08 -30.36
CA MET B 213 -8.48 -17.18 -30.89
C MET B 213 -8.54 -17.25 -32.41
N TYR B 214 -7.53 -17.82 -33.06
CA TYR B 214 -7.66 -18.13 -34.49
C TYR B 214 -8.83 -19.08 -34.72
N HIS B 215 -8.83 -20.21 -34.04
CA HIS B 215 -9.93 -21.16 -34.15
C HIS B 215 -11.23 -20.62 -33.58
N LEU B 216 -11.15 -19.76 -32.55
CA LEU B 216 -12.36 -19.16 -32.00
C LEU B 216 -13.02 -18.22 -32.99
N GLY B 217 -12.24 -17.40 -33.70
CA GLY B 217 -12.79 -16.63 -34.80
C GLY B 217 -13.28 -17.52 -35.92
N ALA B 218 -12.61 -18.66 -36.12
CA ALA B 218 -13.12 -19.64 -37.08
C ALA B 218 -14.49 -20.18 -36.65
N ASN B 219 -14.67 -20.41 -35.35
CA ASN B 219 -15.91 -20.97 -34.81
C ASN B 219 -16.39 -20.11 -33.65
N PRO B 220 -17.02 -18.97 -33.94
CA PRO B 220 -17.55 -18.12 -32.86
C PRO B 220 -18.66 -18.78 -32.05
N GLU B 221 -19.29 -19.83 -32.59
CA GLU B 221 -20.36 -20.52 -31.85
C GLU B 221 -19.82 -21.14 -30.57
N LYS B 222 -18.65 -21.76 -30.63
CA LYS B 222 -18.03 -22.29 -29.42
C LYS B 222 -17.62 -21.16 -28.49
N ALA B 223 -17.26 -19.99 -29.03
CA ALA B 223 -16.99 -18.84 -28.18
C ALA B 223 -18.23 -18.44 -27.40
N ARG B 224 -19.39 -18.40 -28.06
CA ARG B 224 -20.63 -18.05 -27.37
C ARG B 224 -21.01 -19.09 -26.34
N GLN B 225 -20.87 -20.38 -26.69
CA GLN B 225 -21.22 -21.43 -25.75
C GLN B 225 -20.29 -21.45 -24.55
N LEU B 226 -19.03 -21.03 -24.72
CA LEU B 226 -18.12 -20.92 -23.59
C LEU B 226 -18.42 -19.67 -22.76
N LEU B 227 -18.84 -18.60 -23.43
CA LEU B 227 -19.23 -17.38 -22.71
C LEU B 227 -20.46 -17.62 -21.86
N ALA B 228 -21.36 -18.50 -22.31
CA ALA B 228 -22.54 -18.83 -21.52
C ALA B 228 -22.15 -19.50 -20.21
N MET B 229 -21.16 -20.39 -20.26
CA MET B 229 -20.76 -21.15 -19.08
C MET B 229 -19.74 -20.36 -18.26
N ASP B 230 -19.59 -20.76 -17.00
CA ASP B 230 -18.81 -19.99 -16.03
C ASP B 230 -17.34 -19.91 -16.43
N GLY B 231 -16.67 -18.90 -15.88
CA GLY B 231 -15.33 -18.55 -16.36
C GLY B 231 -14.30 -19.64 -16.12
N GLN B 232 -14.33 -20.25 -14.93
CA GLN B 232 -13.30 -21.23 -14.59
C GLN B 232 -13.44 -22.49 -15.44
N SER B 233 -14.65 -23.04 -15.53
CA SER B 233 -14.85 -24.23 -16.34
C SER B 233 -14.68 -23.92 -17.83
N ALA B 234 -15.03 -22.70 -18.24
CA ALA B 234 -14.76 -22.29 -19.61
C ALA B 234 -13.26 -22.26 -19.88
N LEU B 235 -12.48 -21.80 -18.91
CA LEU B 235 -11.02 -21.86 -19.03
C LEU B 235 -10.54 -23.30 -19.12
N ILE B 236 -11.13 -24.19 -18.34
CA ILE B 236 -10.77 -25.60 -18.42
C ILE B 236 -11.03 -26.15 -19.82
N GLU B 237 -12.19 -25.83 -20.38
CA GLU B 237 -12.49 -26.26 -21.75
C GLU B 237 -11.56 -25.62 -22.76
N LEU B 238 -11.15 -24.36 -22.56
CA LEU B 238 -10.17 -23.75 -23.44
C LEU B 238 -8.85 -24.49 -23.37
N THR B 239 -8.44 -24.92 -22.17
CA THR B 239 -7.24 -25.72 -22.05
C THR B 239 -7.38 -27.03 -22.82
N ARG B 240 -8.55 -27.66 -22.73
CA ARG B 240 -8.79 -28.89 -23.50
C ARG B 240 -8.70 -28.62 -25.00
N LEU B 241 -9.27 -27.51 -25.45
CA LEU B 241 -9.22 -27.14 -26.86
C LEU B 241 -7.78 -26.91 -27.31
N SER B 242 -6.97 -26.31 -26.45
CA SER B 242 -5.55 -26.15 -26.73
C SER B 242 -4.90 -27.53 -26.85
N GLU B 243 -5.31 -28.46 -25.98
CA GLU B 243 -4.67 -29.77 -25.95
C GLU B 243 -4.94 -30.57 -27.22
N ARG B 244 -6.21 -30.70 -27.63
CA ARG B 244 -6.49 -31.66 -28.69
C ARG B 244 -6.12 -31.13 -30.07
N LEU B 245 -5.66 -29.87 -30.13
CA LEU B 245 -5.18 -29.28 -31.39
C LEU B 245 -4.12 -30.16 -32.05
N ILE C 68 7.75 -39.14 7.65
CA ILE C 68 8.58 -39.03 8.85
C ILE C 68 9.07 -37.60 9.02
N GLU C 69 10.03 -37.21 8.18
CA GLU C 69 10.58 -35.86 8.24
C GLU C 69 9.54 -34.79 7.92
N ARG C 70 8.53 -35.14 7.12
CA ARG C 70 7.51 -34.18 6.73
C ARG C 70 6.63 -33.76 7.89
N LYS C 71 6.66 -34.51 9.00
CA LYS C 71 5.87 -34.16 10.17
C LYS C 71 6.30 -32.82 10.75
N ARG C 72 7.61 -32.59 10.86
CA ARG C 72 8.09 -31.30 11.33
C ARG C 72 7.75 -30.19 10.34
N GLN C 73 7.75 -30.51 9.04
CA GLN C 73 7.20 -29.60 8.07
C GLN C 73 5.76 -29.26 8.42
N ARG C 74 5.00 -30.22 8.94
CA ARG C 74 3.62 -29.92 9.31
C ARG C 74 3.57 -28.99 10.52
N GLU C 75 4.49 -29.16 11.47
CA GLU C 75 4.56 -28.21 12.59
C GLU C 75 4.82 -26.81 12.06
N LEU C 76 5.76 -26.69 11.12
CA LEU C 76 5.96 -25.42 10.44
C LEU C 76 4.69 -24.91 9.80
N GLU C 77 3.92 -25.82 9.18
CA GLU C 77 2.65 -25.42 8.59
C GLU C 77 1.71 -24.85 9.64
N GLN C 78 1.74 -25.36 10.87
CA GLN C 78 0.93 -24.72 11.93
C GLN C 78 1.47 -23.34 12.31
N GLN C 79 2.80 -23.16 12.39
CA GLN C 79 3.25 -21.79 12.67
C GLN C 79 2.86 -20.83 11.55
N MET C 80 2.97 -21.26 10.28
CA MET C 80 2.48 -20.42 9.20
C MET C 80 0.96 -20.32 9.15
N GLU C 81 0.25 -21.29 9.72
CA GLU C 81 -1.20 -21.17 9.86
C GLU C 81 -1.56 -20.09 10.85
N ALA C 82 -0.76 -19.95 11.92
CA ALA C 82 -0.96 -18.85 12.85
C ALA C 82 -0.86 -17.50 12.13
N VAL C 83 -0.12 -17.43 11.03
CA VAL C 83 0.01 -16.18 10.28
C VAL C 83 -1.12 -16.04 9.28
N LYS C 84 -1.34 -17.07 8.45
CA LYS C 84 -2.32 -16.97 7.38
C LYS C 84 -3.74 -16.82 7.93
N ARG C 85 -4.05 -17.52 9.02
CA ARG C 85 -5.37 -17.38 9.64
C ARG C 85 -5.53 -16.06 10.38
N GLY C 86 -4.46 -15.29 10.54
CA GLY C 86 -4.51 -14.09 11.35
C GLY C 86 -4.42 -14.35 12.84
N GLU C 87 -4.27 -15.60 13.25
CA GLU C 87 -4.18 -15.97 14.67
C GLU C 87 -2.73 -15.81 15.11
N LEU C 88 -2.26 -14.56 15.04
CA LEU C 88 -0.87 -14.27 15.32
C LEU C 88 -0.54 -14.52 16.79
N PRO C 89 0.71 -14.86 17.10
CA PRO C 89 1.08 -15.08 18.50
C PRO C 89 0.93 -13.83 19.33
N GLU C 90 0.72 -14.02 20.63
CA GLU C 90 0.57 -12.89 21.54
C GLU C 90 1.85 -12.05 21.59
N SER C 91 3.01 -12.70 21.57
CA SER C 91 4.27 -11.96 21.61
C SER C 91 4.48 -11.17 20.33
N LEU C 92 3.84 -11.57 19.24
CA LEU C 92 3.92 -10.80 17.99
C LEU C 92 3.33 -9.40 18.17
N ARG C 93 2.20 -9.31 18.86
CA ARG C 93 1.56 -8.03 19.09
C ARG C 93 2.35 -7.19 20.08
N VAL C 94 2.40 -5.88 19.84
CA VAL C 94 3.17 -4.95 20.67
C VAL C 94 2.21 -3.94 21.27
N ASN C 95 2.26 -3.77 22.58
CA ASN C 95 1.45 -2.76 23.24
C ASN C 95 2.00 -1.36 22.97
N PRO C 96 1.14 -0.35 23.00
CA PRO C 96 1.62 1.02 22.88
C PRO C 96 2.28 1.49 24.16
N ASP C 97 3.16 2.49 24.01
CA ASP C 97 3.82 3.14 25.13
C ASP C 97 3.30 4.58 25.22
N LEU C 98 2.57 4.87 26.29
CA LEU C 98 1.82 6.11 26.39
C LEU C 98 2.16 6.86 27.65
N PRO C 99 2.11 8.19 27.63
CA PRO C 99 2.15 8.97 28.87
C PRO C 99 0.90 8.73 29.69
N PRO C 100 0.97 8.89 31.01
CA PRO C 100 -0.17 8.56 31.87
C PRO C 100 -1.35 9.50 31.63
N GLN C 101 -2.54 8.97 31.88
CA GLN C 101 -3.75 9.79 31.85
C GLN C 101 -3.72 10.79 33.00
N PRO C 102 -4.11 12.05 32.79
CA PRO C 102 -4.14 13.01 33.89
C PRO C 102 -5.11 12.57 34.98
N ASP C 103 -4.74 12.90 36.23
CA ASP C 103 -5.48 12.44 37.39
C ASP C 103 -6.69 13.32 37.64
N ILE C 104 -7.89 12.72 37.60
CA ILE C 104 -9.12 13.45 37.88
C ILE C 104 -9.14 13.93 39.32
N ASN C 105 -8.78 13.03 40.25
CA ASN C 105 -8.87 13.36 41.67
C ASN C 105 -7.75 14.27 42.12
N ALA C 106 -6.74 14.50 41.27
CA ALA C 106 -5.72 15.49 41.59
C ALA C 106 -6.31 16.89 41.65
N TYR C 107 -7.49 17.09 41.07
CA TYR C 107 -8.15 18.38 41.02
C TYR C 107 -9.57 18.34 41.58
N LEU C 108 -10.25 17.21 41.46
CA LEU C 108 -11.59 17.06 42.03
C LEU C 108 -11.59 16.57 43.46
N SER C 109 -10.43 16.45 44.11
CA SER C 109 -10.38 16.18 45.52
C SER C 109 -11.06 17.32 46.28
N GLU C 110 -11.74 17.01 47.38
CA GLU C 110 -12.33 18.09 48.18
C GLU C 110 -11.26 19.03 48.71
N GLU C 111 -10.04 18.52 48.92
CA GLU C 111 -8.91 19.39 49.17
C GLU C 111 -8.62 20.26 47.95
N GLY C 112 -8.68 19.66 46.76
CA GLY C 112 -8.58 20.46 45.54
C GLY C 112 -9.74 21.44 45.40
N LEU C 113 -10.93 21.04 45.87
CA LEU C 113 -12.06 21.96 45.88
C LEU C 113 -11.79 23.16 46.78
N ALA C 114 -11.23 22.92 47.97
CA ALA C 114 -10.84 24.02 48.84
C ALA C 114 -9.76 24.87 48.19
N LYS C 115 -8.87 24.24 47.42
CA LYS C 115 -7.90 24.99 46.64
C LYS C 115 -8.60 25.93 45.67
N TYR C 116 -9.65 25.45 45.01
CA TYR C 116 -10.36 26.22 44.00
C TYR C 116 -11.71 26.73 44.50
N ASP C 117 -11.85 26.95 45.81
CA ASP C 117 -13.04 27.53 46.42
C ASP C 117 -14.30 26.72 46.10
N TYR C 118 -14.18 25.40 46.17
CA TYR C 118 -15.31 24.48 46.03
C TYR C 118 -16.05 24.70 44.70
N ASP C 119 -15.27 24.87 43.64
CA ASP C 119 -15.82 25.08 42.30
C ASP C 119 -15.30 23.99 41.37
N ASN C 120 -16.22 23.23 40.79
CA ASN C 120 -15.86 22.13 39.89
C ASN C 120 -15.29 22.65 38.58
N SER C 121 -15.88 23.74 38.06
CA SER C 121 -15.46 24.26 36.76
C SER C 121 -14.00 24.66 36.72
N ARG C 122 -13.52 25.40 37.72
CA ARG C 122 -12.11 25.78 37.74
C ARG C 122 -11.22 24.56 37.95
N ALA C 123 -11.55 23.58 38.76
CA ALA C 123 -10.62 22.43 38.82
C ALA C 123 -10.43 21.84 37.42
N LEU C 124 -11.55 21.72 36.73
CA LEU C 124 -11.49 21.08 35.42
C LEU C 124 -10.77 21.88 34.32
N ALA C 125 -10.42 23.14 34.51
CA ALA C 125 -9.64 23.83 33.48
C ALA C 125 -8.24 23.25 33.43
N ALA C 126 -7.68 23.08 34.63
CA ALA C 126 -6.38 22.47 34.71
C ALA C 126 -6.59 21.05 34.25
N PHE C 127 -7.74 20.49 34.63
CA PHE C 127 -7.86 19.08 34.23
C PHE C 127 -7.76 18.98 32.72
N ASN C 128 -8.39 19.88 31.98
CA ASN C 128 -8.37 19.90 30.51
C ASN C 128 -7.01 20.07 29.99
N ALA C 129 -6.31 21.08 30.48
CA ALA C 129 -4.94 21.16 30.02
C ALA C 129 -4.36 19.75 30.09
N ALA C 130 -4.26 19.23 31.30
CA ALA C 130 -3.60 17.92 31.45
C ALA C 130 -4.09 16.86 30.48
N ASN C 131 -5.40 16.67 30.38
CA ASN C 131 -5.99 15.61 29.55
C ASN C 131 -5.75 15.75 28.07
N THR C 132 -5.92 16.95 27.52
CA THR C 132 -5.80 17.09 26.07
C THR C 132 -4.51 16.50 25.56
N GLU C 133 -3.44 17.27 25.53
CA GLU C 133 -2.11 16.86 25.09
C GLU C 133 -1.96 15.35 25.20
N TRP C 134 -2.48 14.75 26.29
CA TRP C 134 -2.36 13.31 26.47
C TRP C 134 -3.09 12.57 25.35
N LEU C 135 -4.28 13.04 24.97
CA LEU C 135 -5.06 12.35 23.95
C LEU C 135 -4.49 12.56 22.55
N MET C 136 -3.95 13.75 22.26
CA MET C 136 -3.30 13.92 20.96
C MET C 136 -2.02 13.10 20.87
N LYS C 137 -1.27 12.99 21.97
CA LYS C 137 -0.15 12.06 22.02
C LYS C 137 -0.64 10.63 21.84
N ALA C 138 -1.81 10.31 22.39
CA ALA C 138 -2.37 8.98 22.20
C ALA C 138 -2.65 8.69 20.73
N GLN C 139 -3.21 9.66 20.02
CA GLN C 139 -3.51 9.41 18.61
C GLN C 139 -2.24 9.35 17.76
N ASP C 140 -1.24 10.18 18.08
CA ASP C 140 0.04 10.07 17.39
C ASP C 140 0.69 8.72 17.64
N ALA C 141 0.67 8.26 18.89
CA ALA C 141 1.22 6.95 19.21
C ALA C 141 0.40 5.84 18.56
N ARG C 142 -0.90 6.04 18.37
CA ARG C 142 -1.71 5.07 17.67
C ARG C 142 -1.29 4.96 16.20
N SER C 143 -1.04 6.10 15.57
CA SER C 143 -0.54 6.06 14.19
C SER C 143 0.83 5.38 14.12
N ASN C 144 1.72 5.72 15.04
CA ASN C 144 3.03 5.08 15.07
C ASN C 144 2.89 3.58 15.31
N ALA C 145 1.93 3.19 16.14
CA ALA C 145 1.74 1.79 16.48
C ALA C 145 1.13 1.01 15.33
N VAL C 146 0.18 1.61 14.60
CA VAL C 146 -0.35 0.94 13.43
C VAL C 146 0.75 0.71 12.42
N ALA C 147 1.59 1.73 12.20
CA ALA C 147 2.71 1.57 11.28
C ALA C 147 3.63 0.44 11.74
N GLU C 148 4.04 0.49 13.01
CA GLU C 148 5.00 -0.47 13.56
C GLU C 148 4.47 -1.90 13.50
N GLN C 149 3.27 -2.12 14.02
CA GLN C 149 2.76 -3.48 14.12
C GLN C 149 2.37 -4.03 12.75
N GLY C 150 1.85 -3.17 11.86
CA GLY C 150 1.61 -3.63 10.50
C GLY C 150 2.89 -4.02 9.79
N ARG C 151 3.96 -3.24 9.98
CA ARG C 151 5.25 -3.60 9.42
C ARG C 151 5.71 -4.96 9.93
N LYS C 152 5.64 -5.17 11.25
CA LYS C 152 6.07 -6.46 11.78
C LYS C 152 5.22 -7.60 11.25
N THR C 153 3.89 -7.43 11.21
CA THR C 153 3.03 -8.50 10.71
C THR C 153 3.36 -8.84 9.27
N GLN C 154 3.56 -7.82 8.44
CA GLN C 154 3.98 -8.07 7.06
C GLN C 154 5.28 -8.85 7.01
N GLU C 155 6.29 -8.40 7.76
CA GLU C 155 7.61 -9.03 7.70
C GLU C 155 7.55 -10.48 8.16
N PHE C 156 6.81 -10.75 9.23
CA PHE C 156 6.65 -12.14 9.65
C PHE C 156 5.87 -12.94 8.61
N THR C 157 5.01 -12.27 7.83
CA THR C 157 4.33 -12.96 6.74
C THR C 157 5.32 -13.43 5.69
N GLN C 158 6.22 -12.54 5.24
CA GLN C 158 7.23 -13.01 4.27
C GLN C 158 8.14 -14.06 4.89
N GLN C 159 8.51 -13.90 6.16
CA GLN C 159 9.34 -14.90 6.80
C GLN C 159 8.64 -16.25 6.83
N SER C 160 7.35 -16.25 7.16
CA SER C 160 6.58 -17.48 7.22
C SER C 160 6.51 -18.15 5.85
N ALA C 161 6.28 -17.36 4.80
CA ALA C 161 6.31 -17.92 3.44
C ALA C 161 7.67 -18.54 3.15
N GLN C 162 8.72 -17.73 3.16
CA GLN C 162 10.06 -18.23 2.89
C GLN C 162 10.34 -19.51 3.66
N TYR C 163 9.91 -19.56 4.93
CA TYR C 163 10.07 -20.77 5.71
C TYR C 163 9.29 -21.94 5.12
N VAL C 164 8.04 -21.71 4.69
CA VAL C 164 7.25 -22.86 4.24
C VAL C 164 7.83 -23.47 2.97
N GLU C 165 8.15 -22.64 1.97
CA GLU C 165 8.72 -23.23 0.76
C GLU C 165 10.13 -23.75 0.99
N ALA C 166 10.94 -23.05 1.81
CA ALA C 166 12.28 -23.54 2.07
C ALA C 166 12.27 -24.89 2.78
N ALA C 167 11.43 -25.03 3.80
CA ALA C 167 11.33 -26.30 4.50
C ALA C 167 10.76 -27.39 3.60
N ARG C 168 9.78 -27.04 2.76
CA ARG C 168 9.24 -28.04 1.84
C ARG C 168 10.33 -28.57 0.91
N LYS C 169 11.11 -27.66 0.31
CA LYS C 169 12.21 -28.10 -0.55
C LYS C 169 13.25 -28.89 0.22
N HIS C 170 13.56 -28.46 1.44
CA HIS C 170 14.55 -29.17 2.25
C HIS C 170 14.11 -30.59 2.54
N TYR C 171 12.84 -30.77 2.88
CA TYR C 171 12.34 -32.11 3.14
C TYR C 171 12.24 -32.93 1.85
N ASP C 172 12.00 -32.27 0.72
CA ASP C 172 12.11 -32.99 -0.56
C ASP C 172 13.53 -33.52 -0.77
N ALA C 173 14.53 -32.68 -0.50
CA ALA C 173 15.91 -33.12 -0.65
C ALA C 173 16.25 -34.24 0.32
N ALA C 174 15.76 -34.13 1.55
CA ALA C 174 15.99 -35.20 2.53
C ALA C 174 15.32 -36.50 2.11
N GLU C 175 14.12 -36.40 1.52
CA GLU C 175 13.45 -37.59 1.01
C GLU C 175 14.23 -38.22 -0.12
N LYS C 176 14.75 -37.41 -1.04
CA LYS C 176 15.63 -37.95 -2.08
C LYS C 176 16.88 -38.57 -1.47
N LEU C 177 17.35 -38.01 -0.35
CA LEU C 177 18.45 -38.61 0.38
C LEU C 177 18.07 -39.96 0.98
N ASN C 178 16.77 -40.25 1.06
CA ASN C 178 16.22 -41.58 1.36
C ASN C 178 16.82 -42.22 2.61
N ILE C 179 17.24 -41.39 3.57
CA ILE C 179 17.65 -41.88 4.88
C ILE C 179 16.84 -41.12 5.92
N PRO C 180 15.54 -41.42 6.06
CA PRO C 180 14.71 -40.66 7.02
C PRO C 180 15.09 -40.88 8.46
N ASP C 181 15.61 -42.06 8.83
CA ASP C 181 15.96 -42.32 10.22
C ASP C 181 17.12 -41.46 10.71
N TYR C 182 17.81 -40.79 9.80
CA TYR C 182 18.83 -39.82 10.17
C TYR C 182 18.28 -38.42 10.33
N GLN C 183 17.11 -38.14 9.73
CA GLN C 183 16.54 -36.80 9.80
C GLN C 183 16.06 -36.48 11.21
N GLU C 184 15.60 -37.48 11.96
CA GLU C 184 15.15 -37.20 13.32
C GLU C 184 16.29 -36.75 14.21
N LYS C 185 17.44 -37.44 14.15
CA LYS C 185 18.59 -36.98 14.92
C LYS C 185 19.14 -35.67 14.36
N GLU C 186 19.06 -35.47 13.05
CA GLU C 186 19.40 -34.18 12.46
C GLU C 186 18.60 -33.05 13.11
N ASP C 187 17.28 -33.19 13.15
CA ASP C 187 16.47 -32.10 13.68
C ASP C 187 16.61 -32.02 15.20
N ALA C 188 16.87 -33.13 15.88
CA ALA C 188 17.18 -33.06 17.30
C ALA C 188 18.42 -32.20 17.52
N PHE C 189 19.42 -32.35 16.64
CA PHE C 189 20.58 -31.46 16.71
C PHE C 189 20.19 -30.01 16.44
N MET C 190 19.28 -29.78 15.51
CA MET C 190 18.82 -28.40 15.28
C MET C 190 18.12 -27.78 16.48
N GLN C 191 17.20 -28.49 17.14
CA GLN C 191 16.69 -27.90 18.38
C GLN C 191 17.65 -28.05 19.56
N LEU C 192 18.82 -28.67 19.36
CA LEU C 192 19.85 -28.58 20.38
C LEU C 192 20.20 -27.11 20.62
N VAL C 193 20.70 -26.44 19.60
CA VAL C 193 21.12 -25.03 19.66
C VAL C 193 21.05 -24.31 18.32
N PRO C 194 20.93 -24.97 17.17
CA PRO C 194 20.65 -24.23 15.92
C PRO C 194 19.17 -24.17 15.54
N PRO C 195 18.26 -23.60 16.36
CA PRO C 195 16.96 -23.21 15.78
C PRO C 195 17.12 -22.03 14.83
N ALA C 196 17.76 -20.98 15.32
CA ALA C 196 18.00 -19.79 14.49
C ALA C 196 18.90 -20.13 13.31
N VAL C 197 19.90 -20.98 13.52
CA VAL C 197 20.77 -21.38 12.42
C VAL C 197 19.98 -22.20 11.40
N GLY C 198 19.04 -23.01 11.88
CA GLY C 198 18.14 -23.69 10.96
C GLY C 198 17.31 -22.72 10.15
N ALA C 199 16.83 -21.65 10.79
CA ALA C 199 16.12 -20.60 10.06
C ALA C 199 17.02 -19.96 9.02
N ASP C 200 18.30 -19.77 9.36
CA ASP C 200 19.28 -19.23 8.42
C ASP C 200 19.45 -20.16 7.23
N ILE C 201 19.51 -21.45 7.50
CA ILE C 201 19.61 -22.47 6.45
C ILE C 201 18.42 -22.32 5.52
N MET C 202 17.23 -22.20 6.12
CA MET C 202 16.02 -22.06 5.32
C MET C 202 16.06 -20.81 4.46
N ARG C 203 16.42 -19.67 5.04
CA ARG C 203 16.29 -18.40 4.32
C ARG C 203 17.38 -18.25 3.26
N LEU C 204 18.62 -18.62 3.57
CA LEU C 204 19.67 -18.45 2.58
C LEU C 204 19.49 -19.42 1.42
N PHE C 205 19.64 -20.72 1.69
CA PHE C 205 19.23 -21.74 0.73
C PHE C 205 19.14 -23.06 1.48
N PRO C 206 17.98 -23.72 1.46
CA PRO C 206 17.74 -24.80 2.44
C PRO C 206 18.60 -26.04 2.27
N GLU C 207 19.20 -26.28 1.11
CA GLU C 207 19.89 -27.54 0.90
C GLU C 207 21.33 -27.33 0.46
N LYS C 208 22.05 -26.45 1.15
CA LYS C 208 23.36 -26.04 0.65
C LYS C 208 24.36 -27.18 0.66
N SER C 209 24.13 -28.21 1.47
CA SER C 209 25.09 -29.31 1.58
C SER C 209 24.34 -30.58 2.01
N ALA C 210 24.10 -31.48 1.06
CA ALA C 210 23.30 -32.67 1.33
C ALA C 210 24.09 -33.71 2.12
N ALA C 211 25.18 -34.23 1.54
CA ALA C 211 25.99 -35.19 2.28
C ALA C 211 26.65 -34.54 3.49
N LEU C 212 27.00 -33.26 3.37
CA LEU C 212 27.49 -32.56 4.55
C LEU C 212 26.39 -32.35 5.59
N MET C 213 25.12 -32.48 5.21
CA MET C 213 24.07 -32.49 6.24
C MET C 213 24.16 -33.75 7.08
N TYR C 214 24.33 -34.91 6.43
CA TYR C 214 24.66 -36.14 7.14
C TYR C 214 25.88 -35.94 8.04
N HIS C 215 26.95 -35.37 7.49
CA HIS C 215 28.14 -35.13 8.29
C HIS C 215 27.88 -34.15 9.43
N LEU C 216 26.98 -33.18 9.24
CA LEU C 216 26.61 -32.25 10.31
C LEU C 216 25.92 -32.98 11.44
N GLY C 217 25.06 -33.93 11.09
CA GLY C 217 24.61 -34.88 12.09
C GLY C 217 25.77 -35.61 12.74
N ALA C 218 26.78 -35.87 11.91
CA ALA C 218 27.93 -36.63 12.34
C ALA C 218 28.88 -35.77 13.07
N ASN C 219 28.91 -34.51 12.69
CA ASN C 219 29.83 -33.63 13.30
C ASN C 219 28.98 -32.71 14.08
N PRO C 220 28.93 -32.90 15.39
CA PRO C 220 28.15 -32.02 16.26
C PRO C 220 29.05 -31.11 17.05
N GLU C 221 30.10 -31.68 17.61
CA GLU C 221 31.04 -30.86 18.33
C GLU C 221 31.73 -30.01 17.30
N LYS C 222 32.61 -30.62 16.49
CA LYS C 222 33.14 -29.69 15.49
C LYS C 222 32.04 -28.98 14.72
N ALA C 223 30.79 -29.45 14.78
CA ALA C 223 29.68 -28.62 14.32
C ALA C 223 29.56 -27.35 15.13
N ARG C 224 29.58 -27.46 16.46
CA ARG C 224 29.56 -26.27 17.30
C ARG C 224 30.83 -25.45 17.10
N GLN C 225 31.95 -26.12 16.86
CA GLN C 225 33.17 -25.42 16.46
C GLN C 225 32.93 -24.52 15.27
N LEU C 226 32.31 -25.06 14.22
CA LEU C 226 32.03 -24.27 13.02
C LEU C 226 31.00 -23.19 13.30
N LEU C 227 30.02 -23.47 14.16
CA LEU C 227 29.00 -22.47 14.46
C LEU C 227 29.48 -21.38 15.40
N ALA C 228 30.62 -21.56 16.06
CA ALA C 228 31.15 -20.50 16.91
C ALA C 228 31.54 -19.26 16.12
N MET C 229 31.81 -19.42 14.84
CA MET C 229 32.18 -18.34 13.93
C MET C 229 30.98 -17.89 13.09
N ASP C 230 31.01 -16.63 12.67
CA ASP C 230 29.81 -15.86 12.41
C ASP C 230 29.09 -16.30 11.13
N GLY C 231 27.98 -15.65 10.82
CA GLY C 231 27.04 -16.18 9.84
C GLY C 231 27.54 -16.16 8.41
N GLN C 232 28.10 -15.04 7.96
CA GLN C 232 28.51 -14.93 6.56
C GLN C 232 29.75 -15.77 6.27
N SER C 233 30.73 -15.74 7.16
CA SER C 233 31.89 -16.60 6.99
C SER C 233 31.50 -18.06 7.11
N ALA C 234 30.52 -18.37 7.97
CA ALA C 234 29.98 -19.73 8.01
C ALA C 234 29.31 -20.09 6.70
N LEU C 235 28.68 -19.12 6.04
CA LEU C 235 28.13 -19.35 4.71
C LEU C 235 29.24 -19.69 3.73
N ILE C 236 30.36 -18.98 3.82
CA ILE C 236 31.51 -19.28 2.96
C ILE C 236 31.99 -20.71 3.21
N GLU C 237 32.12 -21.09 4.48
CA GLU C 237 32.56 -22.44 4.81
C GLU C 237 31.58 -23.49 4.29
N LEU C 238 30.29 -23.23 4.45
CA LEU C 238 29.27 -24.16 3.98
C LEU C 238 29.31 -24.29 2.47
N THR C 239 29.52 -23.18 1.76
CA THR C 239 29.66 -23.24 0.31
C THR C 239 30.87 -24.07 -0.10
N ARG C 240 31.99 -23.88 0.59
CA ARG C 240 33.20 -24.63 0.22
C ARG C 240 33.04 -26.12 0.51
N LEU C 241 32.46 -26.46 1.66
CA LEU C 241 32.19 -27.87 1.95
C LEU C 241 31.10 -28.45 1.08
N SER C 242 30.21 -27.61 0.54
CA SER C 242 29.29 -28.05 -0.50
C SER C 242 30.05 -28.38 -1.78
N GLU C 243 31.04 -27.55 -2.13
CA GLU C 243 31.95 -27.90 -3.22
C GLU C 243 32.64 -29.22 -2.92
N ARG C 244 32.88 -29.53 -1.65
CA ARG C 244 33.30 -30.88 -1.28
C ARG C 244 32.13 -31.85 -1.32
N LEU C 245 31.09 -31.60 -0.54
CA LEU C 245 29.86 -32.39 -0.59
C LEU C 245 28.63 -31.48 -0.58
#